data_1TDR
#
_entry.id   1TDR
#
_cell.length_a   93.000
_cell.length_b   93.000
_cell.length_c   74.400
_cell.angle_alpha   90.00
_cell.angle_beta   90.00
_cell.angle_gamma   120.00
#
_symmetry.space_group_name_H-M   'P 61'
#
loop_
_entity.id
_entity.type
_entity.pdbx_description
1 polymer 'TELLUROMETHIONYL DIHYDROFOLATE REDUCTASE'
2 non-polymer 'CHLORIDE ION'
3 non-polymer METHOTREXATE
4 non-polymer TELLURIUM
5 non-polymer 'CALCIUM ION'
6 water water
#
_entity_poly.entity_id   1
_entity_poly.type   'polypeptide(L)'
_entity_poly.pdbx_seq_one_letter_code
;MISLIAALAVDRVIGMENAMPWNLPADLAWFKRNTLDKPVIMGRHTWESIGRPLPGRKNIILSSQPGTDDRVTWVKSVDE
AIAACGDVPEIMVIGGGRVYEQFLPKAQKLYLTHIDAEVEGDTHFPDYEPDDWESVFSEFHDADAQNSHSYCFKILERR
;
_entity_poly.pdbx_strand_id   A,B
#
loop_
_chem_comp.id
_chem_comp.type
_chem_comp.name
_chem_comp.formula
CA non-polymer 'CALCIUM ION' 'Ca 2'
CL non-polymer 'CHLORIDE ION' 'Cl -1'
MTX non-polymer METHOTREXATE 'C20 H22 N8 O5'
TE non-polymer TELLURIUM Te
#
# COMPACT_ATOMS: atom_id res chain seq x y z
N MET A 1 12.87 10.57 26.51
CA MET A 1 13.61 9.44 25.90
C MET A 1 13.33 9.67 24.39
N ILE A 2 14.26 9.36 23.52
CA ILE A 2 13.94 9.62 22.10
C ILE A 2 14.03 8.24 21.50
N SER A 3 13.11 7.95 20.59
CA SER A 3 13.11 6.63 19.90
C SER A 3 12.99 6.93 18.42
N LEU A 4 13.45 6.01 17.62
CA LEU A 4 13.43 6.06 16.16
C LEU A 4 12.59 4.83 15.82
N ILE A 5 11.79 4.96 14.79
CA ILE A 5 10.90 3.91 14.28
C ILE A 5 11.15 3.94 12.79
N ALA A 6 11.68 2.81 12.28
CA ALA A 6 11.98 2.74 10.83
C ALA A 6 11.61 1.41 10.22
N ALA A 7 11.28 1.29 8.98
CA ALA A 7 10.95 0.09 8.25
C ALA A 7 12.12 0.24 7.27
N LEU A 8 12.84 -0.85 7.16
CA LEU A 8 14.06 -1.04 6.38
C LEU A 8 14.07 -2.25 5.50
N ALA A 9 14.51 -2.11 4.32
CA ALA A 9 14.56 -3.31 3.43
C ALA A 9 15.95 -3.89 3.57
N VAL A 10 16.20 -4.88 2.72
CA VAL A 10 17.57 -5.50 2.85
C VAL A 10 18.59 -4.39 2.67
N ASP A 11 19.64 -4.45 3.43
CA ASP A 11 20.77 -3.51 3.46
C ASP A 11 20.57 -2.19 4.18
N ARG A 12 19.56 -2.12 5.04
CA ARG A 12 19.21 -0.94 5.85
C ARG A 12 18.69 0.20 4.98
N VAL A 13 18.25 -0.27 3.80
CA VAL A 13 17.72 0.64 2.77
C VAL A 13 16.35 1.17 3.22
N ILE A 14 16.25 2.46 3.24
CA ILE A 14 15.09 3.26 3.59
C ILE A 14 14.73 4.18 2.39
N GLY A 15 13.51 4.75 2.50
CA GLY A 15 12.97 5.60 1.47
C GLY A 15 13.62 6.97 1.42
N MET A 16 13.75 7.50 0.24
CA MET A 16 14.33 8.83 -0.07
C MET A 16 13.30 9.92 -0.37
N GLU A 17 12.26 9.58 -1.10
CA GLU A 17 11.18 10.49 -1.54
C GLU A 17 9.96 9.79 -2.06
N ASN A 18 10.10 8.87 -2.99
CA ASN A 18 8.98 8.07 -3.55
C ASN A 18 8.64 6.90 -2.55
N ALA A 19 7.37 6.50 -2.63
CA ALA A 19 6.89 5.42 -1.81
C ALA A 19 7.66 4.13 -2.11
N MET A 20 7.77 3.38 -1.03
CA MET A 20 8.56 2.11 -1.02
C MET A 20 7.75 1.04 -1.72
N PRO A 21 8.47 0.18 -2.43
CA PRO A 21 7.85 -0.90 -3.17
C PRO A 21 7.27 -2.05 -2.36
N TRP A 22 6.29 -1.72 -1.50
CA TRP A 22 5.70 -2.78 -0.67
C TRP A 22 4.38 -2.33 -0.10
N ASN A 23 3.63 -3.27 0.33
CA ASN A 23 2.32 -3.09 0.95
C ASN A 23 2.29 -3.81 2.28
N LEU A 24 2.48 -3.11 3.40
CA LEU A 24 2.49 -3.79 4.71
C LEU A 24 1.56 -3.15 5.73
N PRO A 25 0.28 -3.50 5.67
CA PRO A 25 -0.67 -2.94 6.62
C PRO A 25 -0.20 -3.38 7.97
N ALA A 26 0.42 -4.58 8.10
CA ALA A 26 0.94 -5.03 9.44
C ALA A 26 1.97 -4.00 9.99
N ASP A 27 2.81 -3.45 9.15
CA ASP A 27 3.82 -2.50 9.56
C ASP A 27 3.16 -1.20 9.98
N LEU A 28 2.13 -0.77 9.31
CA LEU A 28 1.39 0.46 9.66
C LEU A 28 0.65 0.28 10.96
N ALA A 29 0.09 -0.87 11.25
CA ALA A 29 -0.60 -1.12 12.53
C ALA A 29 0.39 -1.04 13.67
N TRP A 30 1.58 -1.56 13.45
CA TRP A 30 2.66 -1.55 14.40
C TRP A 30 3.08 -0.12 14.61
N PHE A 31 3.17 0.61 13.56
CA PHE A 31 3.60 2.04 13.66
C PHE A 31 2.68 2.84 14.52
N LYS A 32 1.40 2.68 14.22
CA LYS A 32 0.30 3.40 14.90
C LYS A 32 0.35 3.19 16.39
N ARG A 33 0.15 1.91 16.71
CA ARG A 33 0.13 1.38 18.05
C ARG A 33 1.30 1.89 18.82
N ASN A 34 2.50 1.95 18.22
CA ASN A 34 3.74 2.45 18.88
C ASN A 34 3.90 3.97 18.88
N THR A 35 3.18 4.73 18.09
CA THR A 35 3.31 6.20 18.03
C THR A 35 2.16 7.01 18.57
N LEU A 36 0.99 6.41 18.66
CA LEU A 36 -0.25 7.00 19.18
C LEU A 36 -0.07 7.54 20.62
N ASP A 37 -0.59 8.79 20.67
CA ASP A 37 -0.56 9.54 21.93
C ASP A 37 0.84 10.07 22.14
N LYS A 38 1.74 10.01 21.18
CA LYS A 38 3.13 10.56 21.43
C LYS A 38 3.47 11.59 20.40
N PRO A 39 4.48 12.38 20.69
CA PRO A 39 4.90 13.37 19.66
C PRO A 39 5.73 12.58 18.64
N VAL A 40 5.60 12.93 17.38
CA VAL A 40 6.40 12.33 16.33
C VAL A 40 7.22 13.43 15.60
N ILE A 41 8.50 13.14 15.40
CA ILE A 41 9.31 14.08 14.65
C ILE A 41 9.53 13.47 13.29
N MET A 42 9.63 14.26 12.25
CA MET A 42 9.92 13.83 10.86
C MET A 42 10.42 14.97 9.94
N GLY A 43 10.89 14.64 8.77
CA GLY A 43 11.34 15.49 7.72
C GLY A 43 10.23 15.89 6.70
N ARG A 44 10.67 16.84 5.82
CA ARG A 44 9.70 17.29 4.82
C ARG A 44 9.25 16.20 3.89
N HIS A 45 10.13 15.30 3.46
CA HIS A 45 9.74 14.19 2.55
C HIS A 45 8.76 13.26 3.20
N THR A 46 9.01 12.82 4.42
CA THR A 46 8.12 11.92 5.13
C THR A 46 6.70 12.49 5.20
N TRP A 47 6.54 13.76 5.47
CA TRP A 47 5.30 14.53 5.62
C TRP A 47 4.47 14.49 4.36
N GLU A 48 5.14 14.78 3.26
CA GLU A 48 4.58 14.76 1.93
C GLU A 48 4.16 13.27 1.79
N SER A 49 5.04 12.31 2.10
CA SER A 49 4.58 10.91 1.85
C SER A 49 3.40 10.62 2.75
N ILE A 50 3.29 11.10 3.95
CA ILE A 50 2.13 10.74 4.81
C ILE A 50 0.87 11.38 4.23
N GLY A 51 1.08 12.66 4.03
CA GLY A 51 0.31 13.74 3.53
C GLY A 51 -0.76 14.25 4.42
N ARG A 52 -0.86 14.16 5.71
CA ARG A 52 -1.95 14.77 6.52
C ARG A 52 -1.37 14.60 7.93
N PRO A 53 -1.86 15.33 8.89
CA PRO A 53 -1.36 15.21 10.27
C PRO A 53 -1.65 13.82 10.83
N LEU A 54 -0.76 13.17 11.59
CA LEU A 54 -1.15 11.83 12.10
C LEU A 54 -2.13 12.12 13.23
N PRO A 55 -3.26 11.50 13.28
CA PRO A 55 -4.26 11.75 14.30
C PRO A 55 -3.78 11.31 15.66
N GLY A 56 -4.22 11.79 16.78
CA GLY A 56 -3.78 11.31 18.10
C GLY A 56 -2.32 11.54 18.34
N ARG A 57 -1.57 12.14 17.48
CA ARG A 57 -0.15 12.43 17.62
C ARG A 57 0.15 13.92 17.43
N LYS A 58 1.21 14.31 18.10
CA LYS A 58 1.67 15.72 17.98
C LYS A 58 2.68 15.65 16.84
N ASN A 59 2.36 16.23 15.72
CA ASN A 59 3.17 16.24 14.49
C ASN A 59 4.17 17.39 14.46
N ILE A 60 5.45 17.11 14.42
CA ILE A 60 6.55 18.09 14.36
C ILE A 60 7.38 17.89 13.10
N ILE A 61 7.47 18.80 12.15
CA ILE A 61 8.24 18.70 10.94
C ILE A 61 9.55 19.45 11.14
N LEU A 62 10.65 18.73 10.98
CA LEU A 62 11.95 19.36 11.12
C LEU A 62 12.52 19.61 9.70
N SER A 63 12.11 20.74 9.18
CA SER A 63 12.51 21.23 7.86
C SER A 63 13.35 22.48 8.14
N SER A 64 13.87 23.03 7.07
CA SER A 64 14.71 24.23 7.20
C SER A 64 14.00 25.39 6.51
N GLN A 65 12.93 24.98 5.88
CA GLN A 65 12.15 25.91 5.07
C GLN A 65 10.84 26.37 5.68
N PRO A 66 9.96 26.80 4.75
CA PRO A 66 8.60 27.31 5.03
C PRO A 66 7.38 26.53 5.52
N GLY A 67 7.02 26.79 6.77
CA GLY A 67 5.83 26.18 7.36
C GLY A 67 4.60 26.40 6.48
N THR A 68 4.20 25.32 5.82
CA THR A 68 3.03 25.26 4.93
C THR A 68 1.65 24.98 5.54
N ASP A 69 1.53 24.19 6.61
CA ASP A 69 0.27 23.84 7.27
C ASP A 69 0.28 24.26 8.74
N ASP A 70 -0.84 24.81 9.18
CA ASP A 70 -0.98 25.29 10.57
C ASP A 70 -1.45 24.20 11.53
N ARG A 71 -1.89 23.06 11.06
CA ARG A 71 -2.37 21.94 11.88
C ARG A 71 -1.19 21.12 12.43
N VAL A 72 0.01 21.54 12.08
CA VAL A 72 1.27 20.89 12.47
C VAL A 72 2.25 21.96 12.99
N THR A 73 3.23 21.56 13.72
CA THR A 73 4.27 22.37 14.31
C THR A 73 5.46 22.30 13.34
N TRP A 74 6.05 23.44 12.98
CA TRP A 74 7.18 23.50 12.06
C TRP A 74 8.47 23.96 12.74
N VAL A 75 9.35 23.05 13.16
CA VAL A 75 10.60 23.45 13.81
C VAL A 75 11.59 23.64 12.64
N LYS A 76 12.80 23.91 13.02
CA LYS A 76 13.96 24.18 12.19
C LYS A 76 15.19 23.56 12.81
N SER A 77 15.19 23.08 14.04
CA SER A 77 16.44 22.49 14.53
C SER A 77 16.18 21.32 15.47
N VAL A 78 17.25 20.58 15.69
CA VAL A 78 17.04 19.42 16.60
C VAL A 78 16.58 19.96 17.94
N ASP A 79 17.28 21.05 18.24
CA ASP A 79 16.99 21.78 19.52
C ASP A 79 15.52 22.18 19.49
N GLU A 80 15.17 23.06 18.59
CA GLU A 80 13.78 23.47 18.47
C GLU A 80 12.80 22.29 18.56
N ALA A 81 13.05 21.22 17.84
CA ALA A 81 12.23 20.02 17.78
C ALA A 81 11.91 19.39 19.13
N ILE A 82 12.94 19.14 19.92
CA ILE A 82 12.73 18.52 21.24
C ILE A 82 11.86 19.43 22.11
N ALA A 83 12.46 20.54 22.48
CA ALA A 83 11.83 21.58 23.31
C ALA A 83 10.33 21.54 23.05
N ALA A 84 10.04 21.66 21.78
CA ALA A 84 8.72 21.72 21.14
C ALA A 84 7.66 20.80 21.74
N CYS A 85 8.08 19.94 22.65
CA CYS A 85 7.27 18.97 23.36
C CYS A 85 7.30 19.10 24.90
N GLY A 86 8.47 19.61 25.30
CA GLY A 86 8.75 19.75 26.74
C GLY A 86 8.97 18.26 27.12
N ASP A 87 8.48 17.97 28.32
CA ASP A 87 8.55 16.68 28.98
C ASP A 87 7.45 15.64 28.95
N VAL A 88 7.66 14.75 28.00
CA VAL A 88 6.94 13.55 27.64
C VAL A 88 7.89 12.34 27.96
N PRO A 89 7.23 11.23 28.16
CA PRO A 89 7.96 10.00 28.41
C PRO A 89 8.72 9.54 27.17
N GLU A 90 8.19 9.67 25.98
CA GLU A 90 8.82 9.22 24.74
C GLU A 90 8.44 10.06 23.50
N ILE A 91 9.47 10.37 22.75
CA ILE A 91 9.47 11.20 21.53
C ILE A 91 9.82 10.24 20.41
N MET A 92 8.97 10.23 19.38
CA MET A 92 9.29 9.26 18.30
C MET A 92 9.86 9.94 17.08
N VAL A 93 10.90 9.39 16.53
CA VAL A 93 11.51 10.06 15.31
C VAL A 93 11.02 9.16 14.18
N ILE A 94 10.23 9.65 13.23
CA ILE A 94 9.75 8.68 12.23
C ILE A 94 10.47 8.71 10.89
N GLY A 95 11.57 9.48 10.82
CA GLY A 95 12.38 9.61 9.61
C GLY A 95 12.17 10.80 8.74
N GLY A 96 12.71 10.94 7.57
CA GLY A 96 13.61 10.15 6.78
C GLY A 96 15.07 10.19 7.25
N GLY A 97 15.97 9.72 6.39
CA GLY A 97 17.40 9.58 6.57
C GLY A 97 18.21 10.52 7.43
N ARG A 98 18.21 11.79 7.17
CA ARG A 98 18.83 12.94 7.76
C ARG A 98 18.33 13.07 9.21
N VAL A 99 17.04 12.73 9.33
CA VAL A 99 16.50 12.85 10.72
C VAL A 99 17.04 11.73 11.58
N TYR A 100 17.12 10.58 10.91
CA TYR A 100 17.63 9.39 11.58
C TYR A 100 19.06 9.72 12.05
N GLU A 101 19.83 10.21 11.08
CA GLU A 101 21.20 10.59 11.36
C GLU A 101 21.33 11.61 12.49
N GLN A 102 20.54 12.66 12.60
CA GLN A 102 20.66 13.62 13.69
C GLN A 102 19.96 13.25 15.00
N PHE A 103 19.32 12.12 15.19
CA PHE A 103 18.63 11.80 16.45
C PHE A 103 19.21 10.53 17.07
N LEU A 104 19.87 9.75 16.25
CA LEU A 104 20.49 8.47 16.64
C LEU A 104 21.33 8.61 17.90
N PRO A 105 22.30 9.51 17.96
CA PRO A 105 23.17 9.75 19.10
C PRO A 105 22.37 10.10 20.33
N LYS A 106 21.16 10.63 20.20
CA LYS A 106 20.34 10.92 21.41
C LYS A 106 19.35 9.81 21.73
N ALA A 107 19.19 8.91 20.78
CA ALA A 107 18.29 7.76 20.88
C ALA A 107 18.88 6.63 21.74
N GLN A 108 17.93 6.16 22.52
CA GLN A 108 18.16 5.04 23.45
C GLN A 108 17.26 3.86 23.16
N LYS A 109 16.39 3.92 22.18
CA LYS A 109 15.49 2.83 21.78
C LYS A 109 15.17 2.92 20.29
N LEU A 110 15.06 1.75 19.65
CA LEU A 110 14.81 1.56 18.25
C LEU A 110 13.71 0.55 17.96
N TYR A 111 12.71 1.00 17.18
CA TYR A 111 11.67 -0.01 16.81
C TYR A 111 11.86 -0.19 15.33
N LEU A 112 12.34 -1.24 14.81
CA LEU A 112 12.67 -1.50 13.41
C LEU A 112 11.80 -2.60 12.82
N THR A 113 11.46 -2.36 11.55
CA THR A 113 10.67 -3.45 10.96
C THR A 113 11.66 -3.89 9.90
N HIS A 114 12.04 -5.10 9.83
CA HIS A 114 13.04 -5.59 8.86
C HIS A 114 12.27 -6.26 7.77
N ILE A 115 12.39 -5.73 6.56
CA ILE A 115 11.59 -6.31 5.42
C ILE A 115 12.40 -7.04 4.37
N ASP A 116 12.07 -8.29 4.12
CA ASP A 116 12.74 -9.15 3.12
C ASP A 116 12.23 -8.74 1.74
N ALA A 117 12.83 -7.64 1.36
CA ALA A 117 12.58 -7.01 0.08
C ALA A 117 13.96 -6.47 -0.38
N GLU A 118 14.48 -7.01 -1.45
CA GLU A 118 15.75 -6.52 -2.02
C GLU A 118 15.18 -5.35 -2.82
N VAL A 119 15.51 -4.15 -2.54
CA VAL A 119 15.07 -2.88 -3.12
C VAL A 119 16.35 -2.07 -3.34
N GLU A 120 16.38 -1.12 -4.25
CA GLU A 120 17.59 -0.35 -4.51
C GLU A 120 17.51 1.07 -3.98
N GLY A 121 18.59 1.55 -3.35
CA GLY A 121 18.58 2.91 -2.86
C GLY A 121 19.90 3.62 -2.61
N ASP A 122 19.74 4.94 -2.53
CA ASP A 122 20.90 5.81 -2.22
C ASP A 122 20.95 5.86 -0.67
N THR A 123 19.75 6.01 -0.05
CA THR A 123 19.72 6.08 1.40
C THR A 123 19.60 4.79 2.18
N HIS A 124 20.19 4.93 3.35
CA HIS A 124 20.30 3.87 4.35
C HIS A 124 20.05 4.35 5.78
N PHE A 125 19.44 3.51 6.61
CA PHE A 125 19.23 3.85 8.03
C PHE A 125 20.67 4.01 8.54
N PRO A 126 20.94 4.95 9.42
CA PRO A 126 22.30 5.19 9.95
C PRO A 126 22.89 3.94 10.57
N ASP A 127 24.16 3.70 10.63
CA ASP A 127 24.83 2.50 11.19
C ASP A 127 24.93 2.57 12.72
N TYR A 128 24.40 1.54 13.33
CA TYR A 128 24.31 1.33 14.78
C TYR A 128 25.11 0.05 15.10
N GLU A 129 26.18 0.32 15.88
CA GLU A 129 27.14 -0.72 16.31
C GLU A 129 26.49 -1.47 17.46
N PRO A 130 26.05 -2.66 17.12
CA PRO A 130 25.34 -3.56 18.04
C PRO A 130 26.02 -3.75 19.36
N ASP A 131 27.20 -3.21 19.55
CA ASP A 131 27.78 -3.45 20.93
C ASP A 131 27.26 -2.32 21.80
N ASP A 132 26.42 -1.51 21.16
CA ASP A 132 25.85 -0.38 21.91
C ASP A 132 24.35 -0.63 22.07
N TRP A 133 23.90 -1.68 21.43
CA TRP A 133 22.47 -2.05 21.46
C TRP A 133 22.20 -3.54 21.75
N GLU A 134 21.14 -3.74 22.50
CA GLU A 134 20.53 -4.98 22.96
C GLU A 134 19.24 -5.39 22.27
N SER A 135 19.19 -6.56 21.66
CA SER A 135 17.91 -7.01 21.04
C SER A 135 17.05 -7.28 22.29
N VAL A 136 15.91 -6.67 22.43
CA VAL A 136 14.99 -6.84 23.57
C VAL A 136 13.66 -7.48 23.24
N PHE A 137 13.23 -7.47 22.01
CA PHE A 137 11.95 -8.06 21.56
C PHE A 137 12.23 -8.35 20.10
N SER A 138 11.72 -9.40 19.55
CA SER A 138 11.93 -9.85 18.15
C SER A 138 10.80 -10.80 17.77
N GLU A 139 10.27 -10.66 16.57
CA GLU A 139 9.14 -11.50 16.12
C GLU A 139 8.91 -11.39 14.63
N PHE A 140 9.12 -12.51 13.95
CA PHE A 140 9.03 -12.64 12.52
C PHE A 140 7.67 -12.80 11.96
N HIS A 141 7.48 -12.45 10.68
CA HIS A 141 6.13 -12.69 10.13
C HIS A 141 6.28 -12.94 8.64
N ASP A 142 5.57 -13.93 8.20
CA ASP A 142 5.47 -14.42 6.84
C ASP A 142 4.55 -13.38 6.15
N ALA A 143 4.79 -13.25 4.89
CA ALA A 143 4.06 -12.45 3.91
C ALA A 143 2.73 -13.21 3.90
N ASP A 144 1.70 -12.62 3.41
CA ASP A 144 0.33 -13.18 3.35
C ASP A 144 -0.41 -12.40 2.25
N ALA A 145 -1.71 -12.48 2.24
CA ALA A 145 -2.61 -11.88 1.30
C ALA A 145 -2.73 -10.37 1.35
N GLN A 146 -2.52 -9.87 2.52
CA GLN A 146 -2.56 -8.48 2.84
C GLN A 146 -1.17 -7.82 2.92
N ASN A 147 -0.15 -8.64 2.98
CA ASN A 147 1.25 -8.12 3.10
C ASN A 147 2.22 -8.82 2.18
N SER A 148 2.77 -8.12 1.25
CA SER A 148 3.64 -8.49 0.16
C SER A 148 4.87 -9.31 0.41
N HIS A 149 5.47 -9.07 1.54
CA HIS A 149 6.69 -9.60 2.06
C HIS A 149 6.62 -9.89 3.55
N SER A 150 7.70 -10.48 3.97
CA SER A 150 8.16 -10.96 5.26
C SER A 150 8.79 -9.74 5.96
N TYR A 151 8.56 -9.79 7.24
CA TYR A 151 9.05 -8.70 8.03
C TYR A 151 9.26 -9.28 9.41
N CYS A 152 10.21 -8.68 10.08
CA CYS A 152 10.60 -8.94 11.44
C CYS A 152 10.48 -7.57 12.20
N PHE A 153 9.75 -7.54 13.31
CA PHE A 153 9.55 -6.47 14.24
C PHE A 153 10.69 -6.62 15.29
N LYS A 154 11.23 -5.44 15.61
CA LYS A 154 12.30 -5.52 16.61
C LYS A 154 12.57 -4.23 17.36
N ILE A 155 12.73 -4.39 18.68
CA ILE A 155 13.04 -3.33 19.63
C ILE A 155 14.42 -3.69 20.27
N LEU A 156 15.28 -2.77 20.33
CA LEU A 156 16.63 -2.74 20.80
C LEU A 156 16.84 -1.57 21.75
N GLU A 157 17.51 -1.79 22.86
CA GLU A 157 17.78 -0.73 23.83
C GLU A 157 19.26 -0.37 23.91
N ARG A 158 19.47 0.94 23.99
CA ARG A 158 20.85 1.42 24.06
C ARG A 158 21.32 1.30 25.51
N ARG A 159 22.36 0.52 25.51
CA ARG A 159 23.28 0.08 26.56
C ARG A 159 24.58 0.91 26.44
N MET B 1 -23.76 -4.37 -19.68
CA MET B 1 -22.50 -4.69 -20.38
C MET B 1 -21.50 -5.22 -19.33
N ILE B 2 -20.62 -6.09 -19.83
CA ILE B 2 -19.62 -6.60 -18.86
C ILE B 2 -18.33 -5.82 -19.00
N SER B 3 -17.79 -5.27 -17.96
CA SER B 3 -16.46 -4.65 -18.15
C SER B 3 -15.43 -5.34 -17.30
N LEU B 4 -14.19 -5.46 -17.63
CA LEU B 4 -13.07 -6.05 -16.84
C LEU B 4 -12.27 -4.85 -16.35
N ILE B 5 -11.82 -4.89 -15.11
CA ILE B 5 -11.02 -3.83 -14.47
C ILE B 5 -9.87 -4.54 -13.74
N ALA B 6 -8.66 -4.29 -14.23
CA ALA B 6 -7.44 -4.90 -13.66
C ALA B 6 -6.16 -4.13 -13.51
N ALA B 7 -5.30 -4.41 -12.54
CA ALA B 7 -3.97 -3.81 -12.34
C ALA B 7 -3.03 -4.87 -12.95
N LEU B 8 -2.27 -4.56 -13.98
CA LEU B 8 -1.40 -5.57 -14.60
C LEU B 8 0.07 -5.21 -14.46
N ALA B 9 0.95 -6.10 -14.03
CA ALA B 9 2.38 -5.76 -13.97
C ALA B 9 2.91 -6.13 -15.36
N VAL B 10 4.20 -5.93 -15.52
CA VAL B 10 4.88 -6.23 -16.80
C VAL B 10 4.65 -7.70 -17.03
N ASP B 11 4.21 -8.10 -18.18
CA ASP B 11 3.90 -9.49 -18.54
C ASP B 11 2.49 -9.94 -18.23
N ARG B 12 1.59 -9.09 -17.82
CA ARG B 12 0.19 -9.42 -17.54
C ARG B 12 -0.09 -10.14 -16.25
N VAL B 13 0.74 -9.97 -15.29
CA VAL B 13 0.68 -10.53 -13.94
C VAL B 13 -0.37 -9.69 -13.19
N ILE B 14 -1.33 -10.38 -12.63
CA ILE B 14 -2.38 -9.79 -11.87
C ILE B 14 -2.41 -10.30 -10.42
N GLY B 15 -1.71 -11.35 -10.05
CA GLY B 15 -1.77 -11.83 -8.66
C GLY B 15 -0.57 -12.74 -8.50
N MET B 16 -0.25 -12.92 -7.29
CA MET B 16 0.82 -13.59 -6.54
C MET B 16 0.21 -14.50 -5.45
N GLU B 17 1.18 -15.06 -4.72
CA GLU B 17 0.79 -15.97 -3.61
C GLU B 17 0.23 -15.03 -2.52
N ASN B 18 1.01 -13.97 -2.35
CA ASN B 18 0.93 -12.81 -1.49
C ASN B 18 0.43 -11.55 -2.24
N ALA B 19 0.23 -10.54 -1.42
CA ALA B 19 -0.17 -9.17 -1.75
C ALA B 19 0.82 -8.65 -2.84
N MET B 20 0.38 -7.76 -3.69
CA MET B 20 1.39 -7.34 -4.70
C MET B 20 2.34 -6.42 -3.99
N PRO B 21 3.53 -6.29 -4.46
CA PRO B 21 4.57 -5.44 -3.86
C PRO B 21 4.60 -4.08 -4.52
N TRP B 22 3.51 -3.37 -4.34
CA TRP B 22 3.38 -1.97 -4.91
C TRP B 22 2.41 -1.24 -4.00
N ASN B 23 2.58 0.04 -3.87
CA ASN B 23 1.62 0.86 -3.05
C ASN B 23 1.14 1.97 -4.03
N LEU B 24 -0.03 1.70 -4.59
CA LEU B 24 -0.68 2.56 -5.57
C LEU B 24 -2.05 3.09 -5.12
N PRO B 25 -2.02 4.07 -4.22
CA PRO B 25 -3.27 4.68 -3.74
C PRO B 25 -4.00 5.29 -4.94
N ALA B 26 -3.29 5.73 -5.98
CA ALA B 26 -3.94 6.27 -7.16
C ALA B 26 -4.65 5.17 -7.91
N ASP B 27 -4.07 3.97 -7.90
CA ASP B 27 -4.66 2.82 -8.59
C ASP B 27 -5.93 2.52 -7.84
N LEU B 28 -5.96 2.60 -6.56
CA LEU B 28 -7.23 2.35 -5.76
C LEU B 28 -8.33 3.39 -6.01
N ALA B 29 -7.92 4.67 -6.08
CA ALA B 29 -8.83 5.81 -6.35
C ALA B 29 -9.42 5.64 -7.74
N TRP B 30 -8.70 5.19 -8.76
CA TRP B 30 -9.22 4.92 -10.08
C TRP B 30 -10.15 3.70 -10.09
N PHE B 31 -9.74 2.74 -9.29
CA PHE B 31 -10.48 1.48 -9.07
C PHE B 31 -11.87 1.98 -8.57
N LYS B 32 -11.86 2.66 -7.41
CA LYS B 32 -13.16 3.17 -6.85
C LYS B 32 -13.96 4.06 -7.78
N ARG B 33 -13.38 5.12 -8.31
CA ARG B 33 -14.12 6.00 -9.24
C ARG B 33 -14.76 5.11 -10.28
N ASN B 34 -14.22 3.99 -10.73
CA ASN B 34 -14.90 3.27 -11.81
C ASN B 34 -15.77 2.08 -11.43
N THR B 35 -15.77 1.73 -10.19
CA THR B 35 -16.59 0.63 -9.66
C THR B 35 -17.80 1.13 -8.81
N LEU B 36 -17.73 2.37 -8.34
CA LEU B 36 -18.79 2.92 -7.50
C LEU B 36 -20.16 2.90 -8.13
N ASP B 37 -21.14 2.56 -7.32
CA ASP B 37 -22.56 2.43 -7.58
C ASP B 37 -22.79 1.40 -8.69
N LYS B 38 -21.96 0.43 -8.77
CA LYS B 38 -22.01 -0.63 -9.76
C LYS B 38 -21.86 -1.96 -9.06
N PRO B 39 -22.34 -2.99 -9.72
CA PRO B 39 -22.20 -4.36 -9.20
C PRO B 39 -20.80 -4.85 -9.42
N VAL B 40 -20.04 -5.30 -8.44
CA VAL B 40 -18.69 -5.87 -8.74
C VAL B 40 -18.73 -7.41 -8.58
N ILE B 41 -18.28 -8.19 -9.52
CA ILE B 41 -18.26 -9.64 -9.50
C ILE B 41 -16.82 -10.06 -9.21
N MET B 42 -16.56 -10.78 -8.14
CA MET B 42 -15.20 -11.21 -7.84
C MET B 42 -15.16 -12.70 -7.51
N GLY B 43 -14.00 -13.30 -7.49
CA GLY B 43 -13.90 -14.72 -7.07
C GLY B 43 -13.68 -14.71 -5.55
N ARG B 44 -13.44 -15.85 -4.95
CA ARG B 44 -13.20 -16.04 -3.53
C ARG B 44 -11.84 -15.56 -3.03
N HIS B 45 -10.86 -15.86 -3.84
CA HIS B 45 -9.46 -15.50 -3.43
C HIS B 45 -9.46 -14.01 -3.22
N THR B 46 -9.88 -13.22 -4.18
CA THR B 46 -9.94 -11.76 -4.16
C THR B 46 -10.82 -11.25 -3.01
N TRP B 47 -11.90 -11.96 -2.76
CA TRP B 47 -12.78 -11.54 -1.66
C TRP B 47 -12.04 -11.65 -0.33
N GLU B 48 -11.27 -12.71 -0.19
CA GLU B 48 -10.47 -13.00 0.98
C GLU B 48 -9.42 -11.92 1.13
N SER B 49 -8.98 -11.33 0.05
CA SER B 49 -7.95 -10.25 0.12
C SER B 49 -8.50 -8.81 0.25
N ILE B 50 -9.75 -8.60 -0.12
CA ILE B 50 -10.21 -7.22 -0.07
C ILE B 50 -10.39 -6.91 1.42
N GLY B 51 -10.77 -8.01 2.09
CA GLY B 51 -11.00 -7.89 3.52
C GLY B 51 -12.48 -7.65 3.79
N ARG B 52 -13.19 -6.79 3.08
CA ARG B 52 -14.64 -6.64 3.44
C ARG B 52 -15.45 -6.39 2.19
N PRO B 53 -16.75 -6.23 2.36
CA PRO B 53 -17.66 -5.87 1.25
C PRO B 53 -17.15 -4.46 0.93
N LEU B 54 -17.27 -4.15 -0.34
CA LEU B 54 -16.83 -2.78 -0.79
C LEU B 54 -18.10 -1.91 -0.60
N PRO B 55 -17.96 -0.73 0.00
CA PRO B 55 -19.03 0.18 0.25
C PRO B 55 -19.84 0.77 -0.88
N GLY B 56 -21.14 0.67 -1.02
CA GLY B 56 -21.65 1.42 -2.18
C GLY B 56 -21.52 0.77 -3.50
N ARG B 57 -21.37 -0.50 -3.52
CA ARG B 57 -21.30 -1.35 -4.71
C ARG B 57 -22.00 -2.66 -4.29
N LYS B 58 -22.69 -3.35 -5.11
CA LYS B 58 -23.33 -4.64 -4.73
C LYS B 58 -22.27 -5.74 -4.81
N ASN B 59 -21.76 -6.25 -3.70
CA ASN B 59 -20.71 -7.28 -3.79
C ASN B 59 -21.26 -8.63 -4.22
N ILE B 60 -20.63 -9.22 -5.21
CA ILE B 60 -21.05 -10.53 -5.71
C ILE B 60 -19.84 -11.46 -5.77
N ILE B 61 -19.82 -12.62 -5.10
CA ILE B 61 -18.70 -13.57 -5.12
C ILE B 61 -19.18 -14.75 -5.99
N LEU B 62 -18.42 -14.98 -7.02
CA LEU B 62 -18.64 -16.10 -7.97
C LEU B 62 -17.92 -17.38 -7.48
N SER B 63 -18.63 -18.30 -6.80
CA SER B 63 -17.88 -19.47 -6.29
C SER B 63 -18.63 -20.75 -6.04
N SER B 64 -17.99 -21.87 -6.38
CA SER B 64 -18.58 -23.22 -6.19
C SER B 64 -18.74 -23.69 -4.75
N GLN B 65 -18.05 -22.96 -3.89
CA GLN B 65 -17.98 -23.11 -2.41
C GLN B 65 -18.71 -21.85 -1.90
N PRO B 66 -19.35 -21.97 -0.76
CA PRO B 66 -20.18 -20.88 -0.23
C PRO B 66 -20.24 -20.28 1.14
N GLY B 67 -21.45 -19.80 1.33
CA GLY B 67 -22.22 -19.12 2.31
C GLY B 67 -21.48 -18.60 3.51
N THR B 68 -20.36 -17.93 3.31
CA THR B 68 -19.64 -17.34 4.48
C THR B 68 -20.12 -15.92 4.80
N ASP B 69 -19.98 -14.84 4.04
CA ASP B 69 -20.51 -13.53 4.54
C ASP B 69 -21.95 -13.32 4.09
N ASP B 70 -22.67 -12.70 5.00
CA ASP B 70 -24.06 -12.29 5.04
C ASP B 70 -24.30 -11.01 4.24
N ARG B 71 -23.18 -10.35 4.09
CA ARG B 71 -23.09 -9.04 3.43
C ARG B 71 -22.81 -8.95 1.93
N VAL B 72 -22.76 -10.09 1.30
CA VAL B 72 -22.48 -10.15 -0.15
C VAL B 72 -23.40 -11.26 -0.66
N THR B 73 -23.69 -11.27 -1.93
CA THR B 73 -24.51 -12.29 -2.59
C THR B 73 -23.53 -13.40 -2.92
N TRP B 74 -23.92 -14.62 -3.12
CA TRP B 74 -23.04 -15.74 -3.46
C TRP B 74 -23.73 -16.41 -4.66
N VAL B 75 -22.96 -16.42 -5.75
CA VAL B 75 -23.44 -17.00 -7.03
C VAL B 75 -22.49 -18.15 -7.27
N LYS B 76 -23.01 -19.07 -8.03
CA LYS B 76 -22.33 -20.32 -8.36
C LYS B 76 -22.05 -20.41 -9.86
N SER B 77 -22.63 -19.53 -10.64
CA SER B 77 -22.29 -19.60 -12.10
C SER B 77 -22.40 -18.17 -12.63
N VAL B 78 -21.70 -17.95 -13.72
CA VAL B 78 -21.61 -16.71 -14.46
C VAL B 78 -23.04 -16.32 -14.81
N ASP B 79 -23.69 -17.28 -15.45
CA ASP B 79 -25.11 -17.10 -15.92
C ASP B 79 -25.86 -16.54 -14.71
N GLU B 80 -25.85 -17.25 -13.60
CA GLU B 80 -26.50 -16.80 -12.36
C GLU B 80 -26.00 -15.43 -11.88
N ALA B 81 -24.68 -15.32 -11.95
CA ALA B 81 -23.86 -14.18 -11.55
C ALA B 81 -24.40 -12.93 -12.26
N ILE B 82 -24.58 -13.02 -13.55
CA ILE B 82 -25.08 -11.88 -14.32
C ILE B 82 -26.41 -11.27 -13.92
N ALA B 83 -27.33 -12.12 -13.56
CA ALA B 83 -28.70 -11.95 -13.10
C ALA B 83 -28.79 -11.42 -11.66
N ALA B 84 -27.91 -12.02 -10.85
CA ALA B 84 -27.83 -11.68 -9.42
C ALA B 84 -27.60 -10.17 -9.27
N CYS B 85 -26.93 -9.57 -10.25
CA CYS B 85 -26.63 -8.13 -10.30
C CYS B 85 -27.88 -7.49 -10.95
N GLY B 86 -28.41 -8.13 -11.99
CA GLY B 86 -29.64 -7.61 -12.61
C GLY B 86 -29.77 -7.13 -14.05
N ASP B 87 -30.52 -6.03 -14.16
CA ASP B 87 -30.88 -5.20 -15.31
C ASP B 87 -30.11 -3.86 -15.34
N VAL B 88 -28.85 -3.89 -15.00
CA VAL B 88 -27.85 -2.84 -14.89
C VAL B 88 -27.15 -2.62 -16.23
N PRO B 89 -26.80 -1.36 -16.41
CA PRO B 89 -26.12 -0.95 -17.65
C PRO B 89 -24.69 -1.48 -17.72
N GLU B 90 -24.09 -1.73 -16.54
CA GLU B 90 -22.73 -2.23 -16.57
C GLU B 90 -22.28 -2.76 -15.21
N ILE B 91 -21.89 -3.99 -15.42
CA ILE B 91 -21.33 -4.91 -14.44
C ILE B 91 -19.80 -4.91 -14.58
N MET B 92 -19.15 -4.90 -13.45
CA MET B 92 -17.74 -4.87 -13.24
C MET B 92 -17.11 -6.16 -12.69
N VAL B 93 -16.19 -6.75 -13.47
CA VAL B 93 -15.51 -8.00 -13.03
C VAL B 93 -14.19 -7.53 -12.42
N ILE B 94 -13.99 -7.62 -11.12
CA ILE B 94 -12.72 -7.20 -10.45
C ILE B 94 -11.62 -8.19 -10.14
N GLY B 95 -11.67 -9.35 -10.69
CA GLY B 95 -10.89 -10.52 -10.80
C GLY B 95 -11.19 -11.65 -9.87
N GLY B 96 -10.24 -12.54 -9.68
CA GLY B 96 -8.90 -12.72 -10.19
C GLY B 96 -8.87 -13.41 -11.52
N GLY B 97 -7.77 -14.02 -11.93
CA GLY B 97 -7.63 -14.66 -13.20
C GLY B 97 -8.70 -15.51 -13.80
N ARG B 98 -9.16 -16.43 -12.98
CA ARG B 98 -10.20 -17.40 -13.38
C ARG B 98 -11.48 -16.72 -13.77
N VAL B 99 -11.93 -15.78 -12.96
CA VAL B 99 -13.18 -15.02 -13.29
C VAL B 99 -12.95 -14.22 -14.58
N TYR B 100 -11.70 -13.78 -14.76
CA TYR B 100 -11.20 -12.97 -15.90
C TYR B 100 -11.36 -13.84 -17.15
N GLU B 101 -10.73 -15.00 -17.18
CA GLU B 101 -10.93 -15.85 -18.38
C GLU B 101 -12.37 -16.07 -18.80
N GLN B 102 -13.21 -16.34 -17.82
CA GLN B 102 -14.62 -16.62 -18.08
C GLN B 102 -15.45 -15.47 -18.50
N PHE B 103 -15.19 -14.26 -18.04
CA PHE B 103 -16.02 -13.08 -18.45
C PHE B 103 -15.48 -12.41 -19.71
N LEU B 104 -14.21 -12.57 -20.02
CA LEU B 104 -13.64 -11.96 -21.25
C LEU B 104 -14.46 -11.91 -22.55
N PRO B 105 -14.86 -13.11 -22.97
CA PRO B 105 -15.64 -13.36 -24.19
C PRO B 105 -16.83 -12.45 -24.27
N LYS B 106 -17.51 -12.22 -23.17
CA LYS B 106 -18.66 -11.36 -23.00
C LYS B 106 -18.33 -9.85 -22.82
N ALA B 107 -17.05 -9.63 -22.49
CA ALA B 107 -16.48 -8.31 -22.21
C ALA B 107 -16.56 -7.38 -23.42
N GLN B 108 -17.04 -6.16 -23.12
CA GLN B 108 -17.09 -5.21 -24.27
C GLN B 108 -16.11 -4.07 -24.03
N LYS B 109 -15.61 -3.91 -22.84
CA LYS B 109 -14.68 -2.92 -22.36
C LYS B 109 -13.77 -3.36 -21.26
N LEU B 110 -12.54 -2.94 -21.24
CA LEU B 110 -11.41 -3.12 -20.35
C LEU B 110 -10.90 -1.84 -19.73
N TYR B 111 -10.68 -1.82 -18.44
CA TYR B 111 -10.14 -0.64 -17.71
C TYR B 111 -8.86 -1.27 -17.19
N LEU B 112 -7.71 -0.80 -17.59
CA LEU B 112 -6.42 -1.34 -17.19
C LEU B 112 -5.46 -0.33 -16.58
N THR B 113 -4.76 -0.87 -15.58
CA THR B 113 -3.71 -0.14 -14.94
C THR B 113 -2.44 -0.96 -15.28
N HIS B 114 -1.59 -0.32 -16.06
CA HIS B 114 -0.31 -0.91 -16.48
C HIS B 114 0.72 -0.39 -15.46
N ILE B 115 1.24 -1.27 -14.65
CA ILE B 115 2.21 -0.91 -13.63
C ILE B 115 3.59 -1.33 -14.09
N ASP B 116 4.57 -0.50 -13.95
CA ASP B 116 5.98 -0.82 -14.34
C ASP B 116 6.64 -1.50 -13.12
N ALA B 117 6.36 -2.76 -12.90
CA ALA B 117 6.79 -3.62 -11.82
C ALA B 117 6.91 -5.04 -12.36
N GLU B 118 8.09 -5.58 -12.23
CA GLU B 118 8.50 -6.91 -12.70
C GLU B 118 8.31 -7.86 -11.56
N VAL B 119 7.37 -8.75 -11.75
CA VAL B 119 7.04 -9.72 -10.66
C VAL B 119 6.87 -11.06 -11.35
N GLU B 120 7.23 -12.08 -10.60
CA GLU B 120 7.25 -13.50 -10.98
C GLU B 120 5.79 -13.85 -10.68
N GLY B 121 4.99 -14.27 -11.62
CA GLY B 121 3.63 -14.46 -11.08
C GLY B 121 3.05 -15.82 -10.94
N ASP B 122 1.83 -15.72 -10.45
CA ASP B 122 1.03 -16.95 -10.22
C ASP B 122 -0.11 -16.85 -11.22
N THR B 123 -0.77 -15.70 -11.12
CA THR B 123 -1.90 -15.52 -12.07
C THR B 123 -1.45 -14.42 -12.98
N HIS B 124 -2.05 -14.42 -14.13
CA HIS B 124 -1.97 -13.57 -15.28
C HIS B 124 -3.38 -13.23 -15.81
N PHE B 125 -3.40 -12.14 -16.54
CA PHE B 125 -4.57 -11.57 -17.20
C PHE B 125 -4.49 -12.36 -18.52
N PRO B 126 -5.58 -12.94 -18.91
CA PRO B 126 -5.63 -13.69 -20.15
C PRO B 126 -5.18 -12.70 -21.22
N ASP B 127 -4.66 -13.33 -22.22
CA ASP B 127 -4.12 -12.83 -23.47
C ASP B 127 -5.26 -12.25 -24.31
N TYR B 128 -5.24 -10.94 -24.52
CA TYR B 128 -6.29 -10.30 -25.33
C TYR B 128 -5.65 -9.82 -26.65
N GLU B 129 -6.52 -9.88 -27.68
CA GLU B 129 -6.16 -9.46 -29.02
C GLU B 129 -6.29 -7.93 -29.10
N PRO B 130 -5.08 -7.44 -29.14
CA PRO B 130 -4.82 -5.99 -29.17
C PRO B 130 -5.31 -5.38 -30.47
N ASP B 131 -5.83 -6.23 -31.25
CA ASP B 131 -6.33 -5.95 -32.58
C ASP B 131 -7.83 -5.82 -32.53
N ASP B 132 -8.39 -6.54 -31.59
CA ASP B 132 -9.80 -6.63 -31.22
C ASP B 132 -10.25 -5.45 -30.35
N TRP B 133 -9.26 -4.87 -29.62
CA TRP B 133 -9.51 -3.75 -28.71
C TRP B 133 -9.04 -2.40 -29.22
N GLU B 134 -9.91 -1.47 -28.83
CA GLU B 134 -9.58 -0.08 -29.22
C GLU B 134 -9.29 0.77 -28.01
N SER B 135 -8.23 1.51 -27.98
CA SER B 135 -7.87 2.35 -26.82
C SER B 135 -8.57 3.66 -26.91
N VAL B 136 -9.42 4.05 -26.02
CA VAL B 136 -10.11 5.35 -26.09
C VAL B 136 -9.63 6.20 -24.93
N PHE B 137 -8.82 5.68 -24.01
CA PHE B 137 -8.34 6.60 -22.98
C PHE B 137 -6.95 6.19 -22.55
N SER B 138 -6.04 7.16 -22.36
CA SER B 138 -4.72 6.77 -21.86
C SER B 138 -4.09 7.90 -21.07
N GLU B 139 -3.47 7.48 -19.95
CA GLU B 139 -2.84 8.46 -19.06
C GLU B 139 -1.82 7.90 -18.12
N PHE B 140 -0.58 8.31 -18.40
CA PHE B 140 0.71 8.01 -17.80
C PHE B 140 1.06 8.85 -16.59
N HIS B 141 1.62 8.17 -15.60
CA HIS B 141 2.11 8.81 -14.39
C HIS B 141 3.29 8.03 -13.76
N ASP B 142 4.13 8.88 -13.26
CA ASP B 142 5.37 8.63 -12.53
C ASP B 142 4.99 8.34 -11.05
N ALA B 143 5.85 7.63 -10.39
CA ALA B 143 5.85 7.21 -8.97
C ALA B 143 5.98 8.57 -8.29
N ASP B 144 5.50 8.63 -7.06
CA ASP B 144 5.54 9.92 -6.35
C ASP B 144 5.61 9.69 -4.87
N ALA B 145 5.43 10.61 -3.98
CA ALA B 145 5.50 10.48 -2.54
C ALA B 145 4.58 9.37 -2.16
N GLN B 146 3.55 9.04 -2.90
CA GLN B 146 2.67 7.95 -2.36
C GLN B 146 2.44 6.65 -3.13
N ASN B 147 2.87 6.62 -4.35
CA ASN B 147 2.70 5.57 -5.36
C ASN B 147 4.06 4.99 -5.61
N SER B 148 4.29 3.73 -5.49
CA SER B 148 5.72 3.28 -5.62
C SER B 148 6.22 2.94 -6.98
N HIS B 149 5.43 2.90 -8.02
CA HIS B 149 5.84 2.53 -9.37
C HIS B 149 5.12 3.41 -10.34
N SER B 150 5.63 3.51 -11.55
CA SER B 150 4.88 4.43 -12.50
C SER B 150 3.77 3.54 -13.02
N TYR B 151 2.71 4.18 -13.49
CA TYR B 151 1.55 3.36 -13.99
C TYR B 151 0.87 4.14 -15.09
N CYS B 152 0.05 3.45 -15.81
CA CYS B 152 -0.74 4.06 -16.89
C CYS B 152 -2.12 3.45 -16.81
N PHE B 153 -3.16 4.27 -16.80
CA PHE B 153 -4.56 3.87 -16.83
C PHE B 153 -5.02 3.80 -18.29
N LYS B 154 -5.76 2.81 -18.71
CA LYS B 154 -6.28 2.79 -20.06
C LYS B 154 -7.65 2.12 -20.13
N ILE B 155 -8.42 2.62 -21.12
CA ILE B 155 -9.73 2.06 -21.39
C ILE B 155 -9.75 1.64 -22.87
N LEU B 156 -10.14 0.39 -23.03
CA LEU B 156 -10.32 -0.32 -24.30
C LEU B 156 -11.81 -0.67 -24.31
N GLU B 157 -12.26 -0.65 -25.54
CA GLU B 157 -13.61 -0.95 -26.00
C GLU B 157 -13.42 -1.99 -27.11
N ARG B 158 -14.30 -2.96 -27.02
CA ARG B 158 -14.25 -4.08 -27.98
C ARG B 158 -14.61 -3.50 -29.35
N ARG B 159 -13.74 -3.73 -30.30
CA ARG B 159 -13.89 -3.28 -31.71
C ARG B 159 -15.01 -4.07 -32.47
CL CL C . 12.15 13.22 5.26
N1 MTX D . 6.84 2.15 9.16
C2 MTX D . 7.64 2.20 10.27
NA2 MTX D . 7.67 1.03 10.90
N3 MTX D . 8.19 3.33 10.67
C4 MTX D . 8.42 4.48 10.02
NA4 MTX D . 8.94 5.48 10.46
C4A MTX D . 7.32 4.55 9.03
N5 MTX D . 6.79 5.76 8.63
C6 MTX D . 6.14 5.81 7.51
C7 MTX D . 5.62 4.50 6.94
N8 MTX D . 5.75 3.43 7.73
C8A MTX D . 6.87 3.42 8.61
C9 MTX D . 6.03 6.96 6.58
N10 MTX D . 4.62 6.98 5.91
CM MTX D . 4.75 6.88 4.38
C11 MTX D . 0.88 6.37 7.79
C12 MTX D . 0.94 6.41 6.37
C13 MTX D . 2.19 6.45 5.82
C14 MTX D . 3.27 6.75 6.61
C15 MTX D . 3.13 6.55 8.04
C16 MTX D . 1.87 6.82 8.56
C MTX D . -0.57 6.61 8.28
O MTX D . -1.47 6.60 7.22
N MTX D . -0.58 5.87 9.42
CA MTX D . -1.93 5.56 10.13
CT MTX D . -1.38 6.21 11.42
O1 MTX D . -0.29 5.89 11.87
O2 MTX D . -2.47 6.40 12.14
CB MTX D . -2.07 4.20 10.77
CG MTX D . -2.18 3.17 9.58
CD MTX D . -3.57 2.88 8.68
OE1 MTX D . -3.67 3.00 7.31
OE2 MTX D . -4.06 4.10 9.19
TE TE E . 5.61 13.97 9.47
TE TE F . 8.22 6.24 19.82
CL CL G . -10.49 -14.94 -7.11
CA CA H . -7.55 5.60 -29.93
N1 MTX I . -6.73 -2.18 -8.87
C2 MTX I . -7.24 -2.27 -10.14
NA2 MTX I . -6.98 -1.35 -11.02
N3 MTX I . -8.08 -3.22 -10.41
C4 MTX I . -8.38 -4.39 -9.78
NA4 MTX I . -9.33 -5.11 -10.15
C4A MTX I . -8.12 -4.11 -8.33
N5 MTX I . -8.34 -5.12 -7.44
C6 MTX I . -7.85 -5.16 -6.27
C7 MTX I . -6.82 -4.16 -5.98
N8 MTX I . -6.49 -3.31 -6.91
C8A MTX I . -7.14 -3.31 -8.15
C9 MTX I . -8.32 -6.11 -5.15
N10 MTX I . -7.72 -5.47 -3.89
CM MTX I . -6.84 -6.33 -2.98
C11 MTX I . -9.53 -2.04 -2.29
C12 MTX I . -8.65 -2.80 -1.46
C13 MTX I . -7.97 -3.92 -1.99
C14 MTX I . -8.46 -4.32 -3.19
C15 MTX I . -9.61 -3.75 -3.89
C16 MTX I . -10.18 -2.66 -3.31
C MTX I . -10.26 -0.97 -1.44
O MTX I . -9.90 -1.07 -0.14
N MTX I . -10.48 0.11 -2.28
CA MTX I . -11.21 1.35 -1.72
CT MTX I . -12.56 1.12 -2.36
O1 MTX I . -12.70 0.66 -3.43
O2 MTX I . -13.52 1.93 -1.99
CB MTX I . -10.75 2.65 -2.37
CG MTX I . -9.32 2.85 -1.67
CD MTX I . -9.02 3.10 0.00
OE1 MTX I . -8.98 2.12 0.98
OE2 MTX I . -9.97 4.11 0.15
TE TE J . -14.86 -9.45 -3.96
TE TE K . -17.00 -1.65 -14.43
#